data_6X21
#
_entry.id   6X21
#
_cell.length_a   73.793
_cell.length_b   83.504
_cell.length_c   41.373
_cell.angle_alpha   90.000
_cell.angle_beta   106.780
_cell.angle_gamma   90.000
#
_symmetry.space_group_name_H-M   'C 1 2 1'
#
loop_
_entity.id
_entity.type
_entity.pdbx_description
1 polymer 'Endothelial PAS domain-containing protein 1'
2 polymer 'Aryl hydrocarbon receptor nuclear translocator'
3 non-polymer 1-(3-bromo-5-fluorophenoxy)-4-[(difluoromethyl)sulfonyl]-2-nitrobenzene
4 water water
#
loop_
_entity_poly.entity_id
_entity_poly.type
_entity_poly.pdbx_seq_one_letter_code
_entity_poly.pdbx_strand_id
1 'polypeptide(L)'
;GEFKGLDSKTFLSEHSMDMKFTYCDDRITELIGYHPEELLGRSAYEFYHALDSENMTKSHQNLCTKGQVVSGQYRMLAKH
GGYVWLETQGTVIYNPRNLQPQCIMCVNYVLSEIE
;
A
2 'polypeptide(L)'
;GEFKGLNVCQPTRFISRHNIEGIFTFVDHRCVATVGYQPQELLGKNIVEFCHPEDQQLLRDSFQQVVKLKGQVLSVMFRF
RSKNQEWLWMRTSSFTFQNPYSDEIEYIICTNTNVKNS
;
B
#
# COMPACT_ATOMS: atom_id res chain seq x y z
N PHE A 3 -15.67 27.40 7.09
CA PHE A 3 -14.21 27.83 6.86
C PHE A 3 -13.28 27.48 8.06
N LYS A 4 -12.13 26.88 7.79
CA LYS A 4 -11.20 26.42 8.83
C LYS A 4 -9.92 27.26 8.84
N GLY A 5 -9.37 27.54 10.02
CA GLY A 5 -8.06 28.26 10.08
C GLY A 5 -6.91 27.30 9.74
N LEU A 6 -5.69 27.81 9.49
CA LEU A 6 -4.58 26.95 8.98
C LEU A 6 -4.19 25.82 9.91
N ASP A 7 -4.03 26.08 11.21
CA ASP A 7 -3.64 25.00 12.14
C ASP A 7 -4.64 23.85 12.03
N SER A 8 -5.95 24.12 11.84
CA SER A 8 -6.88 23.04 11.93
C SER A 8 -6.87 22.21 10.68
N LYS A 9 -6.20 22.64 9.62
CA LYS A 9 -6.12 21.86 8.43
C LYS A 9 -4.75 21.22 8.23
N THR A 10 -3.87 21.27 9.25
CA THR A 10 -2.53 20.77 9.10
C THR A 10 -2.38 19.66 10.15
N PHE A 11 -1.62 18.62 9.80
CA PHE A 11 -1.39 17.59 10.84
C PHE A 11 0.00 17.02 10.52
N LEU A 12 0.63 16.59 11.63
CA LEU A 12 1.99 15.99 11.43
C LEU A 12 1.89 14.45 11.32
N SER A 13 2.75 13.81 10.56
CA SER A 13 2.89 12.36 10.64
C SER A 13 4.32 11.91 10.54
N GLU A 14 4.61 10.70 11.02
CA GLU A 14 5.98 10.19 10.98
C GLU A 14 5.85 8.81 10.36
N HIS A 15 6.88 8.51 9.60
CA HIS A 15 6.88 7.22 8.89
C HIS A 15 8.21 6.54 8.97
N SER A 16 8.22 5.18 8.95
CA SER A 16 9.53 4.48 8.84
C SER A 16 9.99 4.57 7.41
N MET A 17 11.24 4.09 7.13
CA MET A 17 11.71 4.33 5.77
C MET A 17 11.00 3.44 4.74
N ASP A 18 10.30 2.43 5.22
CA ASP A 18 9.39 1.65 4.36
C ASP A 18 8.05 2.35 4.08
N MET A 19 7.93 3.59 4.52
CA MET A 19 6.76 4.48 4.32
C MET A 19 5.54 4.10 5.20
N LYS A 20 5.74 3.19 6.14
CA LYS A 20 4.61 2.87 7.01
C LYS A 20 4.48 3.99 8.06
N PHE A 21 3.24 4.31 8.38
CA PHE A 21 3.00 5.30 9.47
C PHE A 21 3.54 4.73 10.79
N THR A 22 4.27 5.56 11.50
CA THR A 22 4.65 5.26 12.86
C THR A 22 4.09 6.20 13.94
N TYR A 23 3.56 7.32 13.46
CA TYR A 23 2.88 8.26 14.36
C TYR A 23 2.00 9.15 13.47
N CYS A 24 0.85 9.57 13.95
CA CYS A 24 0.05 10.56 13.25
C CYS A 24 -0.70 11.42 14.35
N ASP A 25 -0.80 12.73 14.12
CA ASP A 25 -1.46 13.67 14.98
C ASP A 25 -2.96 13.39 14.99
N ASP A 26 -3.63 13.63 16.11
CA ASP A 26 -5.10 13.32 16.10
C ASP A 26 -5.87 14.32 15.23
N ARG A 27 -5.30 15.43 14.77
CA ARG A 27 -6.02 16.37 13.85
C ARG A 27 -6.52 15.65 12.59
N ILE A 28 -5.89 14.49 12.20
CA ILE A 28 -6.30 13.86 10.93
C ILE A 28 -7.77 13.37 11.07
N THR A 29 -8.22 13.09 12.29
CA THR A 29 -9.55 12.40 12.44
C THR A 29 -10.63 13.32 11.91
N GLU A 30 -10.61 14.58 12.34
CA GLU A 30 -11.64 15.51 11.86
C GLU A 30 -11.54 15.78 10.36
N LEU A 31 -10.35 15.63 9.76
CA LEU A 31 -10.14 16.03 8.42
C LEU A 31 -10.35 14.86 7.41
N ILE A 32 -10.00 13.64 7.79
CA ILE A 32 -9.98 12.52 6.85
C ILE A 32 -10.71 11.27 7.41
N GLY A 33 -10.88 11.22 8.74
CA GLY A 33 -11.75 10.24 9.37
C GLY A 33 -10.96 9.20 10.15
N TYR A 34 -9.62 9.04 9.88
CA TYR A 34 -8.85 7.99 10.52
C TYR A 34 -8.51 8.31 12.02
N HIS A 35 -8.50 7.25 12.85
CA HIS A 35 -7.94 7.45 14.14
C HIS A 35 -6.46 7.12 13.94
N PRO A 36 -5.54 7.89 14.56
CA PRO A 36 -4.09 7.57 14.36
C PRO A 36 -3.70 6.12 14.56
N GLU A 37 -4.27 5.46 15.58
CA GLU A 37 -3.80 4.10 15.90
C GLU A 37 -4.15 3.12 14.76
N GLU A 38 -5.17 3.39 13.93
CA GLU A 38 -5.48 2.45 12.84
C GLU A 38 -4.58 2.66 11.61
N LEU A 39 -3.79 3.75 11.62
CA LEU A 39 -2.84 3.98 10.51
C LEU A 39 -1.55 3.28 10.72
N LEU A 40 -1.18 3.05 11.97
CA LEU A 40 0.19 2.61 12.26
C LEU A 40 0.42 1.31 11.58
N GLY A 41 1.62 1.18 11.06
CA GLY A 41 1.99 -0.07 10.35
C GLY A 41 1.53 -0.25 8.93
N ARG A 42 0.81 0.72 8.43
CA ARG A 42 0.32 0.72 7.04
C ARG A 42 1.07 1.69 6.17
N SER A 43 1.46 1.24 5.00
CA SER A 43 2.29 2.11 4.14
C SER A 43 1.47 3.24 3.52
N ALA A 44 2.11 4.39 3.26
CA ALA A 44 1.40 5.47 2.57
C ALA A 44 0.82 4.99 1.26
N TYR A 45 1.55 4.04 0.63
CA TYR A 45 1.07 3.62 -0.65
C TYR A 45 -0.32 2.95 -0.64
N GLU A 46 -0.79 2.47 0.53
CA GLU A 46 -2.14 1.93 0.57
C GLU A 46 -3.17 2.94 0.31
N PHE A 47 -2.83 4.22 0.46
CA PHE A 47 -3.79 5.25 0.53
C PHE A 47 -3.83 6.23 -0.70
N TYR A 48 -2.80 6.22 -1.54
CA TYR A 48 -2.77 7.13 -2.68
C TYR A 48 -3.76 6.68 -3.71
N HIS A 49 -4.50 7.65 -4.27
CA HIS A 49 -5.27 7.41 -5.50
C HIS A 49 -4.45 6.81 -6.58
N ALA A 50 -5.06 5.90 -7.37
CA ALA A 50 -4.42 5.15 -8.46
C ALA A 50 -3.73 6.15 -9.40
N LEU A 51 -4.39 7.28 -9.62
CA LEU A 51 -3.91 8.24 -10.66
C LEU A 51 -2.75 9.10 -10.14
N ASP A 52 -2.47 9.00 -8.83
CA ASP A 52 -1.32 9.64 -8.22
C ASP A 52 -0.19 8.73 -7.90
N SER A 53 -0.35 7.42 -8.12
CA SER A 53 0.56 6.47 -7.51
C SER A 53 1.95 6.54 -8.16
N GLU A 54 1.97 6.64 -9.50
CA GLU A 54 3.25 6.75 -10.19
C GLU A 54 3.98 8.04 -9.80
N ASN A 55 3.29 9.20 -9.72
CA ASN A 55 3.90 10.47 -9.33
C ASN A 55 4.38 10.48 -7.85
N MET A 56 3.61 9.83 -6.96
CA MET A 56 4.10 9.71 -5.63
C MET A 56 5.35 8.81 -5.51
N THR A 57 5.45 7.74 -6.30
CA THR A 57 6.59 6.82 -6.25
C THR A 57 7.80 7.67 -6.66
N LYS A 58 7.64 8.59 -7.62
CA LYS A 58 8.76 9.40 -8.11
C LYS A 58 9.12 10.37 -7.02
N SER A 59 8.07 10.92 -6.38
CA SER A 59 8.35 11.86 -5.28
C SER A 59 9.07 11.18 -4.11
N HIS A 60 8.77 9.92 -3.81
CA HIS A 60 9.51 9.17 -2.75
C HIS A 60 10.94 9.00 -3.16
N GLN A 61 11.19 8.73 -4.45
CA GLN A 61 12.60 8.58 -4.91
C GLN A 61 13.41 9.83 -4.66
N ASN A 62 12.81 10.94 -5.04
CA ASN A 62 13.30 12.31 -4.84
C ASN A 62 13.59 12.62 -3.35
N LEU A 63 12.65 12.23 -2.48
CA LEU A 63 12.93 12.32 -1.04
C LEU A 63 14.16 11.50 -0.60
N CYS A 64 14.33 10.30 -1.19
CA CYS A 64 15.39 9.45 -0.73
C CYS A 64 16.68 9.96 -1.31
N THR A 65 16.64 10.59 -2.48
CA THR A 65 17.92 11.14 -3.03
C THR A 65 18.26 12.54 -2.48
N LYS A 66 17.26 13.42 -2.37
CA LYS A 66 17.54 14.75 -1.84
C LYS A 66 17.47 14.91 -0.30
N GLY A 67 16.68 14.11 0.43
CA GLY A 67 16.58 14.40 1.86
C GLY A 67 15.32 15.17 2.33
N GLN A 68 14.70 15.90 1.44
CA GLN A 68 13.56 16.77 1.75
C GLN A 68 12.86 17.08 0.45
N VAL A 69 11.51 17.02 0.40
CA VAL A 69 10.76 17.22 -0.84
C VAL A 69 9.40 17.76 -0.48
N VAL A 70 8.81 18.48 -1.40
CA VAL A 70 7.41 18.82 -1.31
C VAL A 70 6.71 17.95 -2.34
N SER A 71 5.61 17.32 -1.96
CA SER A 71 4.88 16.39 -2.76
C SER A 71 4.18 17.04 -3.95
N GLY A 72 3.77 18.29 -3.85
CA GLY A 72 2.73 18.63 -4.90
C GLY A 72 1.37 18.02 -4.55
N GLN A 73 0.28 18.31 -5.27
CA GLN A 73 -1.05 17.92 -4.85
C GLN A 73 -1.31 16.46 -5.10
N TYR A 74 -1.84 15.77 -4.08
CA TYR A 74 -2.21 14.35 -4.29
C TYR A 74 -3.41 14.03 -3.38
N ARG A 75 -3.98 12.85 -3.61
CA ARG A 75 -5.24 12.39 -2.96
C ARG A 75 -4.95 11.33 -1.96
N MET A 76 -5.48 11.48 -0.77
CA MET A 76 -5.61 10.38 0.22
C MET A 76 -7.01 9.77 0.29
N LEU A 77 -7.06 8.42 0.14
CA LEU A 77 -8.31 7.61 0.40
C LEU A 77 -8.78 8.01 1.77
N ALA A 78 -10.01 8.46 1.91
CA ALA A 78 -10.56 8.74 3.26
C ALA A 78 -11.18 7.49 3.93
N LYS A 79 -11.34 7.54 5.25
CA LYS A 79 -11.63 6.36 6.01
C LYS A 79 -12.93 5.66 5.57
N HIS A 80 -13.93 6.48 5.24
CA HIS A 80 -15.22 5.92 4.73
C HIS A 80 -15.36 6.11 3.26
N GLY A 81 -14.23 6.00 2.56
CA GLY A 81 -14.28 6.12 1.12
C GLY A 81 -14.33 7.54 0.63
N GLY A 82 -14.07 7.65 -0.66
CA GLY A 82 -13.73 8.93 -1.26
C GLY A 82 -12.30 9.36 -0.88
N TYR A 83 -11.94 10.58 -1.31
CA TYR A 83 -10.57 11.11 -1.26
C TYR A 83 -10.54 12.53 -0.78
N VAL A 84 -9.45 12.88 -0.04
CA VAL A 84 -9.09 14.28 0.28
C VAL A 84 -7.83 14.71 -0.46
N TRP A 85 -7.78 15.92 -1.05
CA TRP A 85 -6.52 16.44 -1.61
C TRP A 85 -5.63 16.98 -0.50
N LEU A 86 -4.34 16.66 -0.55
CA LEU A 86 -3.36 17.11 0.42
C LEU A 86 -2.13 17.59 -0.34
N GLU A 87 -1.32 18.35 0.35
CA GLU A 87 0.05 18.56 -0.04
C GLU A 87 0.90 18.27 1.20
N THR A 88 2.08 17.70 0.98
CA THR A 88 2.99 17.33 2.10
C THR A 88 4.39 17.84 1.93
N GLN A 89 4.96 18.32 3.03
CA GLN A 89 6.47 18.46 3.05
C GLN A 89 7.03 17.30 3.81
N GLY A 90 7.90 16.55 3.14
CA GLY A 90 8.54 15.40 3.78
C GLY A 90 10.01 15.67 4.10
N THR A 91 10.48 15.20 5.23
CA THR A 91 11.91 15.45 5.65
C THR A 91 12.45 14.19 6.26
N VAL A 92 13.60 13.72 5.75
CA VAL A 92 14.18 12.56 6.31
C VAL A 92 15.05 13.00 7.44
N ILE A 93 15.02 12.20 8.49
CA ILE A 93 15.76 12.42 9.74
C ILE A 93 16.81 11.35 9.73
N TYR A 94 18.08 11.80 9.62
CA TYR A 94 19.20 10.83 9.40
C TYR A 94 20.08 10.79 10.61
N PRO A 101 19.48 6.79 7.35
CA PRO A 101 18.11 7.33 7.55
C PRO A 101 17.32 6.65 8.66
N GLN A 102 16.61 7.43 9.54
CA GLN A 102 15.92 6.90 10.71
C GLN A 102 14.41 6.87 10.55
N CYS A 103 13.89 7.97 10.01
CA CYS A 103 12.41 8.14 9.83
C CYS A 103 12.13 9.33 8.97
N ILE A 104 10.89 9.50 8.50
CA ILE A 104 10.54 10.60 7.66
C ILE A 104 9.45 11.38 8.45
N MET A 105 9.61 12.70 8.53
CA MET A 105 8.61 13.54 9.24
C MET A 105 7.88 14.30 8.20
N CYS A 106 6.55 14.29 8.27
CA CYS A 106 5.73 14.86 7.24
C CYS A 106 4.88 15.92 7.89
N VAL A 107 4.78 17.09 7.21
CA VAL A 107 3.78 18.09 7.59
C VAL A 107 2.80 18.13 6.45
N ASN A 108 1.55 17.81 6.79
CA ASN A 108 0.50 17.55 5.84
C ASN A 108 -0.54 18.62 5.91
N TYR A 109 -0.93 19.17 4.75
CA TYR A 109 -1.93 20.25 4.70
CA TYR A 109 -1.97 20.18 4.76
C TYR A 109 -3.06 19.83 3.79
N VAL A 110 -4.27 19.87 4.29
CA VAL A 110 -5.47 19.46 3.56
C VAL A 110 -5.89 20.61 2.71
N LEU A 111 -6.18 20.24 1.46
CA LEU A 111 -6.53 21.22 0.40
C LEU A 111 -8.03 21.14 0.10
N SER A 112 -8.76 20.13 0.59
CA SER A 112 -10.12 19.88 0.20
C SER A 112 -10.94 19.18 1.30
N GLU A 113 -12.27 19.18 1.16
CA GLU A 113 -13.14 18.23 1.91
C GLU A 113 -13.06 16.79 1.29
N ILE A 114 -13.62 15.76 1.97
CA ILE A 114 -13.76 14.37 1.43
C ILE A 114 -14.63 14.44 0.19
N GLU A 115 -14.11 14.00 -0.95
CA GLU A 115 -14.90 14.02 -2.23
C GLU A 115 -15.27 12.61 -2.67
N THR B 12 -2.61 -15.34 -18.71
CA THR B 12 -1.46 -14.46 -18.33
C THR B 12 -1.41 -14.47 -16.80
N ARG B 13 -0.31 -14.97 -16.29
CA ARG B 13 -0.13 -15.21 -14.83
C ARG B 13 1.31 -15.12 -14.40
N PHE B 14 1.50 -14.85 -13.10
CA PHE B 14 2.89 -14.96 -12.62
C PHE B 14 2.84 -15.35 -11.15
N ILE B 15 3.93 -15.94 -10.64
CA ILE B 15 4.02 -16.45 -9.28
C ILE B 15 4.67 -15.38 -8.39
N SER B 16 4.20 -15.31 -7.16
CA SER B 16 4.88 -14.55 -6.11
C SER B 16 4.92 -15.27 -4.78
N ARG B 17 5.94 -14.93 -3.98
CA ARG B 17 5.98 -15.43 -2.60
C ARG B 17 5.83 -14.17 -1.73
N HIS B 18 5.16 -14.37 -0.58
CA HIS B 18 4.91 -13.26 0.34
C HIS B 18 5.21 -13.70 1.75
N ASN B 19 5.62 -12.76 2.60
CA ASN B 19 5.53 -13.06 3.99
C ASN B 19 4.12 -13.08 4.52
N ILE B 20 3.93 -13.42 5.80
CA ILE B 20 2.55 -13.66 6.20
C ILE B 20 1.77 -12.27 6.30
N GLU B 21 2.54 -11.17 6.43
CA GLU B 21 2.03 -9.79 6.39
C GLU B 21 1.52 -9.35 5.03
N GLY B 22 1.99 -10.00 3.95
CA GLY B 22 1.55 -9.58 2.60
C GLY B 22 2.68 -9.03 1.74
N ILE B 23 3.86 -8.86 2.31
CA ILE B 23 4.98 -8.24 1.55
C ILE B 23 5.50 -9.19 0.48
N PHE B 24 5.64 -8.70 -0.75
CA PHE B 24 6.33 -9.51 -1.79
C PHE B 24 7.78 -9.85 -1.42
N THR B 25 8.12 -11.13 -1.36
CA THR B 25 9.53 -11.47 -1.09
C THR B 25 10.14 -12.16 -2.26
N PHE B 26 9.36 -12.53 -3.30
CA PHE B 26 9.87 -13.10 -4.52
C PHE B 26 8.86 -12.82 -5.58
N VAL B 27 9.31 -12.41 -6.77
CA VAL B 27 8.36 -12.11 -7.86
C VAL B 27 8.90 -12.69 -9.18
N ASP B 28 8.16 -13.57 -9.81
CA ASP B 28 8.46 -14.15 -11.14
C ASP B 28 8.29 -13.05 -12.19
N HIS B 29 9.26 -13.00 -13.09
CA HIS B 29 9.39 -11.96 -14.13
C HIS B 29 8.27 -11.94 -15.14
N ARG B 30 7.41 -12.97 -15.15
CA ARG B 30 6.16 -12.93 -15.93
C ARG B 30 5.20 -11.84 -15.43
N CYS B 31 5.48 -11.26 -14.27
CA CYS B 31 4.72 -10.07 -13.79
C CYS B 31 4.78 -8.89 -14.79
N VAL B 32 5.85 -8.83 -15.59
CA VAL B 32 6.03 -7.61 -16.46
C VAL B 32 4.97 -7.69 -17.52
N ALA B 33 4.77 -8.86 -18.14
CA ALA B 33 3.70 -8.96 -19.10
C ALA B 33 2.27 -8.99 -18.49
N THR B 34 2.12 -9.43 -17.24
CA THR B 34 0.79 -9.58 -16.56
C THR B 34 0.35 -8.17 -16.11
N VAL B 35 1.23 -7.38 -15.48
CA VAL B 35 0.73 -6.14 -14.77
C VAL B 35 1.60 -4.97 -15.05
N GLY B 36 2.71 -5.20 -15.77
CA GLY B 36 3.55 -4.11 -16.23
C GLY B 36 4.75 -3.68 -15.42
N TYR B 37 4.88 -4.15 -14.20
CA TYR B 37 5.96 -3.74 -13.31
C TYR B 37 7.12 -4.69 -13.47
N GLN B 38 8.33 -4.15 -13.28
CA GLN B 38 9.48 -5.04 -13.05
C GLN B 38 9.35 -5.63 -11.67
N PRO B 39 9.94 -6.83 -11.49
CA PRO B 39 9.91 -7.46 -10.18
C PRO B 39 10.38 -6.53 -9.11
N GLN B 40 11.44 -5.75 -9.34
CA GLN B 40 11.92 -4.88 -8.26
C GLN B 40 10.96 -3.71 -7.88
N GLU B 41 9.95 -3.42 -8.71
CA GLU B 41 8.95 -2.48 -8.34
C GLU B 41 7.86 -3.07 -7.44
N LEU B 42 7.81 -4.42 -7.34
CA LEU B 42 6.89 -5.10 -6.45
C LEU B 42 7.57 -5.60 -5.13
N LEU B 43 8.81 -6.07 -5.24
CA LEU B 43 9.57 -6.63 -4.09
C LEU B 43 9.65 -5.65 -2.95
N GLY B 44 9.35 -6.10 -1.75
CA GLY B 44 9.35 -5.22 -0.58
C GLY B 44 8.16 -4.40 -0.24
N LYS B 45 7.19 -4.39 -1.19
CA LYS B 45 5.92 -3.76 -0.95
C LYS B 45 4.86 -4.76 -0.63
N ASN B 46 3.84 -4.32 0.09
CA ASN B 46 2.71 -5.17 0.42
C ASN B 46 1.80 -5.24 -0.80
N ILE B 47 1.28 -6.46 -1.06
CA ILE B 47 0.37 -6.61 -2.17
C ILE B 47 -0.82 -5.61 -2.02
N VAL B 48 -1.20 -5.35 -0.75
CA VAL B 48 -2.34 -4.43 -0.53
C VAL B 48 -2.11 -3.02 -1.13
N GLU B 49 -0.85 -2.61 -1.29
CA GLU B 49 -0.52 -1.35 -1.88
C GLU B 49 -0.90 -1.24 -3.36
N PHE B 50 -1.15 -2.37 -3.99
CA PHE B 50 -1.55 -2.41 -5.40
C PHE B 50 -2.98 -2.71 -5.58
N CYS B 51 -3.78 -2.83 -4.50
CA CYS B 51 -5.15 -3.22 -4.49
C CYS B 51 -6.18 -2.11 -4.39
N HIS B 52 -7.24 -2.23 -5.17
CA HIS B 52 -8.30 -1.20 -5.19
C HIS B 52 -8.81 -1.03 -3.75
N PRO B 53 -9.15 0.21 -3.36
CA PRO B 53 -9.52 0.45 -1.96
C PRO B 53 -10.72 -0.40 -1.55
N GLU B 54 -11.73 -0.71 -2.40
CA GLU B 54 -12.89 -1.52 -2.00
C GLU B 54 -12.47 -2.94 -1.67
N ASP B 55 -11.37 -3.40 -2.29
CA ASP B 55 -10.89 -4.82 -2.14
C ASP B 55 -9.83 -5.01 -1.10
N GLN B 56 -9.29 -3.90 -0.54
CA GLN B 56 -8.12 -4.05 0.31
C GLN B 56 -8.36 -4.87 1.56
N GLN B 57 -9.51 -4.69 2.18
CA GLN B 57 -9.75 -5.41 3.42
C GLN B 57 -9.94 -6.90 3.13
N LEU B 58 -10.72 -7.21 2.07
CA LEU B 58 -10.78 -8.63 1.61
C LEU B 58 -9.41 -9.22 1.41
N LEU B 59 -8.46 -8.50 0.81
CA LEU B 59 -7.23 -9.11 0.59
C LEU B 59 -6.41 -9.31 1.87
N ARG B 60 -6.46 -8.32 2.79
CA ARG B 60 -5.85 -8.51 4.15
C ARG B 60 -6.46 -9.75 4.82
N ASP B 61 -7.80 -9.88 4.80
CA ASP B 61 -8.38 -11.01 5.49
C ASP B 61 -8.11 -12.32 4.83
N SER B 62 -7.90 -12.32 3.53
CA SER B 62 -7.43 -13.53 2.83
C SER B 62 -6.00 -13.96 3.26
N PHE B 63 -5.09 -13.03 3.34
CA PHE B 63 -3.78 -13.41 3.78
C PHE B 63 -3.83 -13.91 5.21
N GLN B 64 -4.71 -13.33 6.04
CA GLN B 64 -4.85 -13.76 7.45
C GLN B 64 -5.39 -15.14 7.48
N GLN B 65 -6.37 -15.48 6.63
CA GLN B 65 -6.91 -16.81 6.70
C GLN B 65 -6.14 -17.90 6.10
N VAL B 66 -5.39 -17.62 5.04
CA VAL B 66 -4.72 -18.70 4.32
C VAL B 66 -3.80 -19.47 5.31
N VAL B 67 -3.23 -18.76 6.32
CA VAL B 67 -2.40 -19.49 7.29
C VAL B 67 -3.19 -20.40 8.19
N LYS B 68 -4.50 -20.26 8.23
CA LYS B 68 -5.31 -21.11 9.16
C LYS B 68 -5.82 -22.33 8.47
N LEU B 69 -5.65 -22.39 7.12
CA LEU B 69 -6.30 -23.44 6.31
C LEU B 69 -5.42 -24.69 6.12
N LYS B 70 -4.47 -24.86 7.01
CA LYS B 70 -3.70 -26.15 6.98
C LYS B 70 -3.08 -26.40 5.56
N GLY B 71 -2.49 -25.35 5.00
CA GLY B 71 -1.85 -25.51 3.71
C GLY B 71 -2.70 -25.71 2.45
N GLN B 72 -4.06 -25.67 2.48
CA GLN B 72 -4.92 -25.85 1.33
C GLN B 72 -5.06 -24.46 0.54
N VAL B 73 -5.64 -24.47 -0.66
CA VAL B 73 -5.62 -23.27 -1.52
C VAL B 73 -6.78 -22.35 -1.09
N LEU B 74 -6.47 -21.05 -0.96
CA LEU B 74 -7.46 -19.99 -0.86
C LEU B 74 -7.34 -19.12 -2.08
N SER B 75 -8.49 -18.82 -2.67
CA SER B 75 -8.53 -17.94 -3.81
C SER B 75 -9.10 -16.60 -3.43
N VAL B 76 -8.71 -15.55 -4.15
CA VAL B 76 -9.36 -14.22 -3.93
C VAL B 76 -9.41 -13.56 -5.28
N MET B 77 -10.45 -12.77 -5.58
CA MET B 77 -10.43 -11.93 -6.78
C MET B 77 -10.38 -10.49 -6.31
N PHE B 78 -9.57 -9.71 -6.95
CA PHE B 78 -9.45 -8.30 -6.57
C PHE B 78 -8.88 -7.48 -7.73
N ARG B 79 -9.06 -6.18 -7.60
CA ARG B 79 -8.58 -5.26 -8.64
C ARG B 79 -7.19 -4.80 -8.33
N PHE B 80 -6.27 -5.05 -9.23
CA PHE B 80 -4.84 -4.74 -9.09
C PHE B 80 -4.50 -3.60 -10.03
N ARG B 81 -3.73 -2.65 -9.51
CA ARG B 81 -3.32 -1.44 -10.24
C ARG B 81 -2.16 -1.74 -11.12
N SER B 82 -2.39 -1.70 -12.47
CA SER B 82 -1.25 -1.96 -13.37
C SER B 82 -0.25 -0.84 -13.39
N LYS B 83 0.88 -1.08 -14.09
CA LYS B 83 1.83 -0.01 -14.24
C LYS B 83 1.24 1.15 -15.05
N ASN B 84 0.20 0.90 -15.79
CA ASN B 84 -0.58 2.00 -16.42
C ASN B 84 -1.67 2.68 -15.57
N GLN B 85 -1.64 2.46 -14.26
CA GLN B 85 -2.65 2.99 -13.30
C GLN B 85 -4.06 2.58 -13.59
N GLU B 86 -4.21 1.45 -14.32
CA GLU B 86 -5.57 0.88 -14.57
C GLU B 86 -5.86 -0.32 -13.73
N TRP B 87 -7.11 -0.46 -13.35
CA TRP B 87 -7.55 -1.59 -12.57
C TRP B 87 -7.83 -2.86 -13.33
N LEU B 88 -6.98 -3.90 -13.06
CA LEU B 88 -7.06 -5.19 -13.73
C LEU B 88 -7.61 -6.19 -12.77
N TRP B 89 -8.64 -6.96 -13.15
CA TRP B 89 -9.11 -7.98 -12.27
C TRP B 89 -8.11 -9.13 -12.17
N MET B 90 -7.71 -9.47 -10.93
CA MET B 90 -6.82 -10.63 -10.71
C MET B 90 -7.48 -11.66 -9.87
N ARG B 91 -7.15 -12.90 -10.19
CA ARG B 91 -7.52 -14.03 -9.35
C ARG B 91 -6.18 -14.57 -8.79
N THR B 92 -6.04 -14.45 -7.46
CA THR B 92 -4.82 -14.90 -6.80
C THR B 92 -5.17 -16.15 -6.02
N SER B 93 -4.51 -17.24 -6.35
CA SER B 93 -4.69 -18.49 -5.59
C SER B 93 -3.44 -18.67 -4.75
N SER B 94 -3.65 -18.87 -3.46
CA SER B 94 -2.54 -18.79 -2.48
C SER B 94 -2.55 -19.99 -1.59
N PHE B 95 -1.40 -20.43 -1.10
CA PHE B 95 -1.35 -21.50 -0.08
C PHE B 95 -0.11 -21.32 0.74
N THR B 96 -0.11 -21.84 2.00
CA THR B 96 1.15 -21.68 2.77
C THR B 96 2.12 -22.86 2.55
N PHE B 97 3.38 -22.54 2.72
CA PHE B 97 4.38 -23.62 2.69
C PHE B 97 5.32 -23.40 3.89
N GLN B 98 5.59 -24.54 4.55
CA GLN B 98 6.49 -24.56 5.66
C GLN B 98 7.27 -25.87 5.46
N ASN B 99 8.60 -25.82 5.45
CA ASN B 99 9.38 -27.05 5.25
C ASN B 99 9.37 -27.89 6.55
N PRO B 100 8.76 -29.08 6.48
CA PRO B 100 8.53 -29.93 7.64
C PRO B 100 9.84 -30.34 8.36
N TYR B 101 11.00 -30.19 7.71
CA TYR B 101 12.25 -30.49 8.45
C TYR B 101 12.67 -29.34 9.33
N SER B 102 11.87 -28.27 9.37
CA SER B 102 12.28 -27.06 10.10
C SER B 102 11.10 -26.53 10.90
N ASP B 103 11.35 -25.52 11.73
CA ASP B 103 10.26 -24.77 12.39
C ASP B 103 10.34 -23.29 11.96
N GLU B 104 10.76 -23.06 10.74
CA GLU B 104 10.82 -21.69 10.24
C GLU B 104 9.41 -21.21 9.87
N ILE B 105 9.23 -19.90 9.95
CA ILE B 105 7.90 -19.33 9.75
C ILE B 105 7.41 -19.66 8.34
N GLU B 106 6.17 -20.05 8.28
CA GLU B 106 5.64 -20.30 6.97
C GLU B 106 5.58 -19.00 6.15
N TYR B 107 5.58 -19.25 4.87
CA TYR B 107 5.36 -18.12 3.94
C TYR B 107 4.26 -18.57 2.95
N ILE B 108 3.85 -17.60 2.15
CA ILE B 108 2.65 -17.78 1.29
C ILE B 108 3.11 -17.75 -0.19
N ILE B 109 2.64 -18.73 -0.94
CA ILE B 109 2.97 -18.82 -2.41
C ILE B 109 1.68 -18.44 -3.15
N CYS B 110 1.80 -17.55 -4.11
CA CYS B 110 0.56 -17.08 -4.85
C CYS B 110 0.77 -17.30 -6.34
N THR B 111 -0.30 -17.71 -7.04
CA THR B 111 -0.31 -17.61 -8.47
C THR B 111 -1.33 -16.50 -8.77
N ASN B 112 -1.00 -15.60 -9.67
CA ASN B 112 -1.78 -14.37 -9.91
C ASN B 112 -2.16 -14.32 -11.37
N THR B 113 -3.47 -14.45 -11.71
CA THR B 113 -3.87 -14.48 -13.13
C THR B 113 -4.75 -13.30 -13.42
N ASN B 114 -4.60 -12.66 -14.56
CA ASN B 114 -5.61 -11.64 -15.02
C ASN B 114 -6.85 -12.33 -15.54
N VAL B 115 -8.01 -12.04 -14.95
CA VAL B 115 -9.25 -12.80 -15.20
C VAL B 115 -10.37 -11.77 -15.56
N LYS B 116 -11.47 -12.29 -16.14
CA LYS B 116 -12.61 -11.46 -16.45
C LYS B 116 -13.55 -11.42 -15.26
N ASN B 117 -14.13 -10.26 -14.99
CA ASN B 117 -15.22 -10.25 -14.07
C ASN B 117 -16.53 -10.14 -14.87
N SER B 118 -16.97 -11.30 -15.30
CA SER B 118 -18.18 -11.42 -16.16
C SER B 118 -18.86 -12.76 -15.91
#